data_3KID
#
_entry.id   3KID
#
_cell.length_a   121.216
_cell.length_b   121.216
_cell.length_c   43.299
_cell.angle_alpha   90.00
_cell.angle_beta   90.00
_cell.angle_gamma   120.00
#
_symmetry.space_group_name_H-M   'H 3'
#
loop_
_entity.id
_entity.type
_entity.pdbx_description
1 polymer 'Urokinase-type plasminogen activator'
2 non-polymer 'ethyl 2-amino-1,3-benzothiazole-6-carboxylate'
3 water water
#
_entity_poly.entity_id   1
_entity_poly.type   'polypeptide(L)'
_entity_poly.pdbx_seq_one_letter_code
;IIGGEFTTIENQPWFAAIYRRHRGGSVTYVCGGSLISPCWVISATHCFIDYPKKEDYIVYLGRSRLNSNTQGEMKFEVEN
LILHKDYSADTLAHHNDIALLKIRSKEGRCAQPSRTIQTIALPSMYNDPQFGTSCEITGFGKEQSTDYLYPEQLKMTVVK
LISHRECQQPHYYGSEVTTKMLCAADPQWKTDSCQGDSGGPLVCSLQGRMTLTGIVSWGRGCALKDKPGVYTRVSHFLPW
IRSHTKEENGLAL
;
_entity_poly.pdbx_strand_id   U
#
loop_
_chem_comp.id
_chem_comp.type
_chem_comp.name
_chem_comp.formula
2BS non-polymer 'ethyl 2-amino-1,3-benzothiazole-6-carboxylate' 'C10 H10 N2 O2 S'
#
# COMPACT_ATOMS: atom_id res chain seq x y z
N ILE A 1 4.33 -9.89 2.87
CA ILE A 1 3.30 -10.71 2.15
C ILE A 1 3.49 -12.18 2.50
N ILE A 2 2.46 -12.78 3.09
CA ILE A 2 2.50 -14.20 3.46
C ILE A 2 2.10 -15.04 2.24
N GLY A 3 2.92 -16.03 1.93
CA GLY A 3 2.64 -16.88 0.80
C GLY A 3 2.93 -16.11 -0.48
N GLY A 4 2.04 -16.26 -1.44
CA GLY A 4 2.24 -15.54 -2.68
C GLY A 4 3.46 -16.08 -3.39
N GLU A 5 4.13 -15.21 -4.10
CA GLU A 5 5.31 -15.58 -4.86
C GLU A 5 6.25 -14.37 -4.86
N PHE A 6 7.42 -14.53 -5.45
CA PHE A 6 8.34 -13.43 -5.57
C PHE A 6 8.06 -12.76 -6.90
N THR A 7 8.61 -11.57 -7.08
CA THR A 7 8.40 -10.83 -8.32
C THR A 7 9.46 -9.76 -8.49
N THR A 8 9.28 -8.89 -9.48
CA THR A 8 10.19 -7.79 -9.73
C THR A 8 9.30 -6.60 -9.94
N ILE A 9 9.91 -5.40 -9.93
CA ILE A 9 9.16 -4.16 -10.10
C ILE A 9 8.38 -4.04 -11.40
N GLU A 10 8.74 -4.85 -12.39
CA GLU A 10 8.05 -4.84 -13.70
C GLU A 10 6.59 -5.25 -13.60
N ASN A 11 6.23 -5.96 -12.52
CA ASN A 11 4.86 -6.39 -12.31
C ASN A 11 4.05 -5.48 -11.38
N GLN A 12 4.67 -4.38 -10.94
CA GLN A 12 4.03 -3.35 -10.12
C GLN A 12 4.85 -2.09 -10.33
N PRO A 13 5.07 -1.71 -11.60
CA PRO A 13 5.85 -0.51 -11.91
C PRO A 13 5.51 0.74 -11.10
N TRP A 14 4.45 0.69 -10.30
CA TRP A 14 4.09 1.86 -9.50
C TRP A 14 4.45 1.72 -8.02
N PHE A 15 4.75 0.51 -7.59
CA PHE A 15 5.07 0.29 -6.18
C PHE A 15 6.34 1.05 -5.75
N ALA A 16 6.27 1.73 -4.60
CA ALA A 16 7.42 2.49 -4.09
C ALA A 16 7.96 1.94 -2.76
N ALA A 17 9.27 2.09 -2.56
CA ALA A 17 9.95 1.65 -1.35
C ALA A 17 10.36 2.91 -0.58
N ILE A 18 9.88 3.01 0.66
CA ILE A 18 10.15 4.16 1.51
C ILE A 18 11.02 3.76 2.70
N TYR A 19 12.14 4.46 2.88
CA TYR A 19 13.10 4.21 3.95
C TYR A 19 13.18 5.43 4.86
N ARG A 20 14.00 5.35 5.90
CA ARG A 20 14.15 6.46 6.84
C ARG A 20 15.48 6.37 7.58
N ARG A 21 16.12 7.51 7.80
CA ARG A 21 17.38 7.54 8.53
C ARG A 21 17.35 8.67 9.55
N VAL A 27 19.59 3.82 7.83
CA VAL A 27 18.52 3.72 6.85
C VAL A 27 17.81 2.36 6.91
N THR A 28 16.53 2.39 7.24
CA THR A 28 15.73 1.19 7.37
C THR A 28 14.40 1.31 6.60
N TYR A 29 13.86 0.18 6.19
CA TYR A 29 12.60 0.17 5.46
C TYR A 29 11.50 0.69 6.38
N VAL A 30 10.47 1.29 5.79
CA VAL A 30 9.35 1.81 6.56
C VAL A 30 8.04 1.17 6.10
N CYS A 31 7.71 1.45 4.84
CA CYS A 31 6.48 0.99 4.22
C CYS A 31 6.51 1.07 2.72
N GLY A 32 5.48 0.52 2.09
CA GLY A 32 5.37 0.59 0.65
C GLY A 32 4.66 1.87 0.26
N GLY A 33 4.43 2.03 -1.04
CA GLY A 33 3.75 3.20 -1.56
C GLY A 33 3.34 2.97 -3.00
N SER A 34 2.45 3.81 -3.51
CA SER A 34 1.99 3.68 -4.89
C SER A 34 2.07 5.00 -5.65
N LEU A 35 2.85 4.99 -6.74
CA LEU A 35 3.01 6.19 -7.56
C LEU A 35 1.74 6.44 -8.34
N ILE A 36 0.94 7.41 -7.90
CA ILE A 36 -0.30 7.73 -8.61
C ILE A 36 -0.15 8.86 -9.63
N SER A 37 1.08 9.37 -9.76
CA SER A 37 1.40 10.44 -10.71
C SER A 37 2.88 10.76 -10.61
N PRO A 38 3.44 11.42 -11.64
CA PRO A 38 4.86 11.80 -11.69
C PRO A 38 5.46 12.31 -10.39
N CYS A 39 4.81 13.25 -9.72
CA CYS A 39 5.34 13.78 -8.46
C CYS A 39 4.63 13.29 -7.22
N TRP A 40 3.73 12.31 -7.33
CA TRP A 40 3.05 11.90 -6.10
C TRP A 40 2.95 10.44 -5.75
N VAL A 41 3.29 10.14 -4.50
CA VAL A 41 3.19 8.78 -3.98
C VAL A 41 2.21 8.75 -2.81
N ILE A 42 1.23 7.83 -2.89
CA ILE A 42 0.26 7.69 -1.83
C ILE A 42 0.63 6.46 -0.99
N SER A 43 0.54 6.59 0.33
CA SER A 43 0.85 5.50 1.24
C SER A 43 -0.10 5.60 2.42
N ALA A 44 0.26 5.01 3.56
CA ALA A 44 -0.61 5.08 4.74
C ALA A 44 0.00 5.96 5.81
N THR A 45 -0.85 6.74 6.49
CA THR A 45 -0.39 7.65 7.55
C THR A 45 0.33 6.92 8.69
N HIS A 46 -0.33 5.93 9.28
CA HIS A 46 0.25 5.20 10.41
C HIS A 46 1.72 4.88 10.22
N CYS A 47 2.17 4.90 8.97
CA CYS A 47 3.57 4.61 8.64
C CYS A 47 4.53 5.74 8.98
N PHE A 48 4.02 6.95 9.17
CA PHE A 48 4.86 8.11 9.43
C PHE A 48 4.53 8.92 10.67
N ILE A 49 3.40 8.63 11.31
CA ILE A 49 2.96 9.39 12.47
C ILE A 49 3.98 9.57 13.59
N ASP A 50 4.91 8.63 13.78
CA ASP A 50 5.90 8.73 14.85
C ASP A 50 7.10 9.64 14.52
N TYR A 51 7.46 9.67 13.24
CA TYR A 51 8.57 10.51 12.76
C TYR A 51 7.94 11.28 11.60
N PRO A 52 6.98 12.17 11.91
CA PRO A 52 6.26 12.99 10.93
C PRO A 52 7.08 14.02 10.15
N LYS A 53 8.40 13.84 10.11
CA LYS A 53 9.24 14.83 9.43
C LYS A 53 9.80 14.38 8.07
N LYS A 54 9.68 15.25 7.07
CA LYS A 54 10.12 14.99 5.69
C LYS A 54 11.58 14.60 5.50
N GLU A 55 12.46 15.45 6.02
CA GLU A 55 13.89 15.28 5.92
C GLU A 55 14.45 13.88 6.19
N ASP A 56 13.66 12.98 6.75
CA ASP A 56 14.15 11.65 7.06
C ASP A 56 13.85 10.57 6.01
N TYR A 57 12.85 10.81 5.18
CA TYR A 57 12.46 9.80 4.21
C TYR A 57 13.14 9.77 2.87
N ILE A 58 13.32 8.55 2.39
CA ILE A 58 13.95 8.31 1.12
C ILE A 58 12.92 7.45 0.39
N VAL A 59 12.62 7.82 -0.85
CA VAL A 59 11.66 7.06 -1.61
C VAL A 59 12.36 6.52 -2.83
N TYR A 60 11.98 5.32 -3.22
CA TYR A 60 12.56 4.71 -4.40
C TYR A 60 11.41 4.29 -5.29
N LEU A 61 11.68 4.26 -6.59
CA LEU A 61 10.73 3.81 -7.61
C LEU A 61 11.55 2.87 -8.49
N GLY A 62 10.88 1.90 -9.10
CA GLY A 62 11.59 0.94 -9.94
C GLY A 62 12.54 0.04 -9.17
N ARG A 63 12.33 -0.09 -7.86
CA ARG A 63 13.20 -0.92 -7.02
C ARG A 63 12.55 -2.30 -6.78
N SER A 64 13.30 -3.36 -7.09
CA SER A 64 12.80 -4.72 -6.92
C SER A 64 13.36 -5.44 -5.70
N ARG A 65 14.42 -4.89 -5.11
CA ARG A 65 15.05 -5.49 -3.93
C ARG A 65 15.17 -4.55 -2.75
N LEU A 66 15.08 -5.13 -1.55
CA LEU A 66 15.12 -4.40 -0.29
C LEU A 66 16.44 -3.75 0.11
N ASN A 67 17.55 -4.49 0.04
CA ASN A 67 18.85 -3.95 0.43
C ASN A 67 19.95 -3.95 -0.62
N SER A 68 19.56 -3.94 -1.89
CA SER A 68 20.53 -3.89 -2.96
C SER A 68 19.80 -3.11 -4.04
N ASN A 69 20.55 -2.50 -4.95
CA ASN A 69 19.94 -1.71 -5.99
C ASN A 69 19.45 -2.53 -7.17
N THR A 70 18.50 -1.95 -7.90
CA THR A 70 17.89 -2.53 -9.09
C THR A 70 18.28 -1.61 -10.23
N GLN A 71 18.86 -2.17 -11.28
CA GLN A 71 19.29 -1.36 -12.40
C GLN A 71 18.11 -0.52 -12.89
N GLY A 72 18.24 0.81 -12.77
CA GLY A 72 17.18 1.68 -13.23
C GLY A 72 16.32 2.38 -12.19
N GLU A 73 16.45 2.01 -10.91
CA GLU A 73 15.67 2.68 -9.89
C GLU A 73 16.01 4.17 -9.74
N MET A 74 15.05 4.94 -9.22
CA MET A 74 15.26 6.35 -8.97
C MET A 74 15.08 6.61 -7.49
N LYS A 75 15.94 7.48 -6.97
CA LYS A 75 15.93 7.85 -5.56
C LYS A 75 15.34 9.25 -5.40
N PHE A 76 14.41 9.40 -4.48
CA PHE A 76 13.78 10.69 -4.29
C PHE A 76 13.76 11.13 -2.84
N GLU A 77 13.77 12.44 -2.63
CA GLU A 77 13.68 13.03 -1.31
C GLU A 77 12.19 13.27 -1.14
N VAL A 78 11.76 13.63 0.06
CA VAL A 78 10.34 13.91 0.29
C VAL A 78 10.17 15.43 0.42
N GLU A 79 9.67 16.03 -0.65
CA GLU A 79 9.43 17.46 -0.68
C GLU A 79 8.36 17.82 0.34
N ASN A 80 7.36 16.94 0.48
CA ASN A 80 6.28 17.17 1.44
C ASN A 80 5.61 15.87 1.90
N LEU A 81 5.37 15.78 3.22
CA LEU A 81 4.75 14.61 3.80
C LEU A 81 3.38 15.02 4.35
N ILE A 82 2.35 14.75 3.55
CA ILE A 82 0.99 15.10 3.91
C ILE A 82 0.28 13.92 4.57
N LEU A 83 -0.13 14.11 5.83
CA LEU A 83 -0.82 13.08 6.58
C LEU A 83 -2.27 13.51 6.72
N HIS A 84 -3.21 12.56 6.63
CA HIS A 84 -4.62 12.90 6.75
C HIS A 84 -4.86 13.45 8.14
N LYS A 85 -5.70 14.47 8.24
CA LYS A 85 -5.96 15.12 9.52
C LYS A 85 -6.99 14.47 10.43
N ASP A 86 -7.81 13.55 9.91
CA ASP A 86 -8.82 12.88 10.74
C ASP A 86 -8.39 11.48 11.17
N TYR A 87 -7.12 11.15 11.11
CA TYR A 87 -6.56 9.95 11.65
C TYR A 87 -6.79 9.65 13.13
N SER A 88 -7.11 8.42 13.55
CA SER A 88 -6.67 7.65 14.69
C SER A 88 -6.27 6.27 14.36
N ALA A 89 -5.60 5.40 15.09
CA ALA A 89 -5.41 3.98 14.74
C ALA A 89 -5.39 3.01 15.93
N ALA A 93 -8.45 -0.59 12.16
CA ALA A 93 -9.14 -0.08 13.09
C ALA A 93 -9.13 1.40 12.62
N HIS A 94 -8.09 1.59 11.80
CA HIS A 94 -7.12 2.74 12.00
C HIS A 94 -7.71 3.64 11.05
N HIS A 95 -7.83 4.87 11.34
CA HIS A 95 -8.81 5.55 10.56
C HIS A 95 -8.21 6.61 9.70
N ASN A 96 -8.72 6.70 8.47
CA ASN A 96 -8.14 7.62 7.52
C ASN A 96 -6.64 7.39 7.50
N ASP A 97 -6.27 6.13 7.24
CA ASP A 97 -4.88 5.73 7.18
C ASP A 97 -4.47 5.98 5.73
N ILE A 98 -4.21 7.25 5.43
CA ILE A 98 -3.82 7.65 4.08
C ILE A 98 -2.80 8.80 4.12
N ALA A 99 -1.66 8.60 3.45
CA ALA A 99 -0.60 9.61 3.42
C ALA A 99 -0.12 9.93 2.02
N LEU A 100 0.34 11.17 1.82
CA LEU A 100 0.82 11.62 0.52
C LEU A 100 2.24 12.17 0.51
N LEU A 101 3.14 11.51 -0.22
CA LEU A 101 4.53 11.94 -0.31
C LEU A 101 4.86 12.60 -1.65
N LYS A 102 5.26 13.87 -1.57
CA LYS A 102 5.64 14.68 -2.72
C LYS A 102 7.12 14.36 -2.94
N ILE A 103 7.44 13.78 -4.09
CA ILE A 103 8.83 13.39 -4.35
C ILE A 103 9.67 14.24 -5.31
N ARG A 104 10.90 14.54 -4.90
CA ARG A 104 11.83 15.31 -5.72
C ARG A 104 13.25 14.76 -5.54
N SER A 105 13.98 14.62 -6.65
CA SER A 105 15.35 14.12 -6.56
C SER A 105 16.29 15.29 -6.24
N LYS A 106 17.57 14.99 -6.04
CA LYS A 106 18.53 16.04 -5.76
C LYS A 106 18.71 16.89 -7.01
N GLU A 107 18.23 16.36 -8.14
CA GLU A 107 18.32 17.08 -9.40
C GLU A 107 17.08 17.95 -9.60
N GLY A 108 16.14 17.80 -8.68
CA GLY A 108 14.91 18.58 -8.70
C GLY A 108 13.73 18.00 -9.47
N ARG A 109 13.93 16.93 -10.22
CA ARG A 109 12.85 16.35 -11.02
C ARG A 109 12.01 15.27 -10.33
N CYS A 110 10.79 15.08 -10.81
CA CYS A 110 9.92 14.06 -10.24
C CYS A 110 10.26 12.74 -10.94
N ALA A 111 9.36 11.77 -10.87
CA ALA A 111 9.59 10.46 -11.46
C ALA A 111 9.35 10.46 -12.95
N GLN A 112 10.18 9.72 -13.67
CA GLN A 112 10.07 9.62 -15.12
C GLN A 112 9.61 8.23 -15.55
N PRO A 113 8.48 8.14 -16.26
CA PRO A 113 8.00 6.83 -16.68
C PRO A 113 9.07 6.02 -17.39
N SER A 114 9.11 4.73 -17.05
CA SER A 114 10.07 3.81 -17.64
C SER A 114 9.44 2.42 -17.71
N ARG A 115 10.22 1.42 -18.09
CA ARG A 115 9.71 0.07 -18.18
C ARG A 115 9.45 -0.48 -16.77
N THR A 116 10.19 0.03 -15.80
CA THR A 116 10.07 -0.40 -14.41
C THR A 116 9.49 0.71 -13.52
N ILE A 117 8.95 1.75 -14.15
CA ILE A 117 8.35 2.87 -13.42
C ILE A 117 7.17 3.41 -14.20
N GLN A 118 6.02 3.44 -13.55
CA GLN A 118 4.79 3.91 -14.18
C GLN A 118 3.80 4.22 -13.07
N THR A 119 2.80 5.03 -13.36
CA THR A 119 1.82 5.38 -12.34
C THR A 119 0.61 4.46 -12.43
N ILE A 120 -0.20 4.49 -11.38
CA ILE A 120 -1.42 3.69 -11.27
C ILE A 120 -2.64 4.61 -11.14
N ALA A 121 -3.74 4.25 -11.78
CA ALA A 121 -4.94 5.07 -11.73
C ALA A 121 -5.82 4.82 -10.50
N LEU A 122 -6.55 5.86 -10.11
CA LEU A 122 -7.45 5.82 -8.95
C LEU A 122 -8.79 5.32 -9.46
N PRO A 123 -9.68 4.88 -8.55
CA PRO A 123 -11.00 4.39 -8.97
C PRO A 123 -11.95 5.53 -9.26
N SER A 124 -13.13 5.19 -9.78
CA SER A 124 -14.16 6.18 -10.04
C SER A 124 -14.58 6.40 -8.60
N MET A 125 -14.99 7.60 -8.23
CA MET A 125 -15.40 7.86 -6.85
C MET A 125 -16.40 6.82 -6.33
N TYR A 126 -16.30 6.50 -5.04
CA TYR A 126 -17.18 5.53 -4.39
C TYR A 126 -17.49 4.28 -5.20
N ASN A 127 -16.63 3.94 -6.16
CA ASN A 127 -16.86 2.76 -6.98
C ASN A 127 -15.85 1.66 -6.64
N ASP A 128 -16.36 0.56 -6.10
CA ASP A 128 -15.50 -0.57 -5.75
C ASP A 128 -16.00 -1.86 -6.38
N PRO A 129 -15.07 -2.76 -6.69
CA PRO A 129 -15.44 -4.05 -7.30
C PRO A 129 -16.34 -4.81 -6.34
N GLN A 130 -17.15 -5.73 -6.87
CA GLN A 130 -18.00 -6.50 -5.98
C GLN A 130 -17.12 -7.37 -5.10
N PHE A 131 -17.68 -7.85 -4.00
CA PHE A 131 -16.92 -8.65 -3.08
C PHE A 131 -16.83 -10.09 -3.53
N GLY A 132 -15.61 -10.61 -3.48
CA GLY A 132 -15.31 -11.96 -3.94
C GLY A 132 -14.31 -11.79 -5.08
N THR A 133 -14.14 -10.55 -5.51
CA THR A 133 -13.21 -10.22 -6.58
C THR A 133 -11.76 -10.45 -6.15
N SER A 134 -10.90 -10.74 -7.14
CA SER A 134 -9.51 -11.01 -6.86
C SER A 134 -8.63 -9.82 -7.13
N CYS A 135 -7.96 -9.37 -6.08
CA CYS A 135 -7.06 -8.24 -6.18
C CYS A 135 -5.68 -8.71 -5.77
N GLU A 136 -4.65 -7.93 -6.10
CA GLU A 136 -3.28 -8.28 -5.76
C GLU A 136 -2.64 -7.25 -4.84
N ILE A 137 -1.92 -7.73 -3.84
CA ILE A 137 -1.21 -6.86 -2.90
C ILE A 137 0.30 -7.05 -3.12
N THR A 138 1.07 -5.99 -2.92
CA THR A 138 2.52 -6.02 -3.13
C THR A 138 3.33 -5.44 -1.96
N GLY A 139 4.52 -5.99 -1.72
CA GLY A 139 5.35 -5.48 -0.63
C GLY A 139 6.58 -6.28 -0.23
N PHE A 140 7.37 -5.69 0.66
CA PHE A 140 8.60 -6.26 1.20
C PHE A 140 8.42 -6.73 2.64
N GLY A 141 7.18 -7.02 3.02
CA GLY A 141 6.87 -7.42 4.38
C GLY A 141 7.17 -8.87 4.70
N LYS A 142 7.19 -9.22 5.99
CA LYS A 142 7.49 -10.58 6.40
C LYS A 142 6.74 -11.64 5.58
N GLU A 143 7.38 -12.78 5.38
CA GLU A 143 6.79 -13.90 4.67
C GLU A 143 6.05 -14.76 5.68
N GLN A 144 6.44 -14.62 6.94
CA GLN A 144 5.86 -15.34 8.07
C GLN A 144 5.86 -14.43 9.29
N SER A 145 4.95 -14.69 10.21
CA SER A 145 4.82 -13.87 11.40
C SER A 145 5.94 -14.01 12.41
N THR A 146 6.63 -15.15 12.42
CA THR A 146 7.73 -15.34 13.35
C THR A 146 9.05 -14.84 12.78
N ASP A 147 9.06 -14.47 11.50
CA ASP A 147 10.31 -13.96 10.91
C ASP A 147 10.75 -12.73 11.66
N TYR A 148 12.05 -12.54 11.69
CA TYR A 148 12.64 -11.38 12.30
C TYR A 148 12.90 -10.46 11.12
N LEU A 149 13.38 -11.06 10.03
CA LEU A 149 13.73 -10.35 8.80
C LEU A 149 12.57 -10.15 7.80
N TYR A 150 12.82 -9.28 6.82
CA TYR A 150 11.87 -9.01 5.75
C TYR A 150 12.48 -9.68 4.51
N PRO A 151 11.66 -10.06 3.53
CA PRO A 151 12.26 -10.70 2.35
C PRO A 151 13.14 -9.71 1.58
N GLU A 152 14.20 -10.25 0.98
CA GLU A 152 15.13 -9.44 0.20
C GLU A 152 14.49 -9.17 -1.17
N GLN A 153 13.58 -10.04 -1.56
CA GLN A 153 12.92 -9.91 -2.84
C GLN A 153 11.48 -9.41 -2.68
N LEU A 154 11.01 -8.66 -3.67
CA LEU A 154 9.66 -8.13 -3.63
C LEU A 154 8.68 -9.29 -3.90
N LYS A 155 7.60 -9.32 -3.13
CA LYS A 155 6.63 -10.39 -3.29
C LYS A 155 5.23 -9.87 -3.64
N MET A 156 4.31 -10.78 -3.89
CA MET A 156 2.93 -10.40 -4.20
C MET A 156 2.03 -11.63 -4.16
N THR A 157 0.73 -11.40 -4.06
CA THR A 157 -0.22 -12.49 -4.03
C THR A 157 -1.61 -11.97 -4.40
N VAL A 158 -2.62 -12.83 -4.21
CA VAL A 158 -3.99 -12.47 -4.55
C VAL A 158 -4.87 -12.79 -3.37
N VAL A 159 -5.84 -11.89 -3.11
CA VAL A 159 -6.80 -12.06 -2.03
C VAL A 159 -8.15 -11.55 -2.50
N LYS A 160 -9.22 -12.14 -1.96
CA LYS A 160 -10.58 -11.75 -2.31
C LYS A 160 -11.22 -10.77 -1.35
N LEU A 161 -11.98 -9.85 -1.93
CA LEU A 161 -12.70 -8.84 -1.17
C LEU A 161 -13.81 -9.46 -0.32
N ILE A 162 -13.81 -9.08 0.95
CA ILE A 162 -14.81 -9.54 1.89
C ILE A 162 -15.81 -8.39 2.05
N SER A 163 -17.11 -8.69 1.93
CA SER A 163 -18.15 -7.67 2.07
C SER A 163 -18.12 -7.04 3.45
N HIS A 164 -18.56 -5.79 3.53
CA HIS A 164 -18.60 -5.04 4.78
C HIS A 164 -19.43 -5.76 5.83
N ARG A 165 -20.42 -6.52 5.38
CA ARG A 165 -21.27 -7.24 6.32
C ARG A 165 -20.50 -8.39 6.94
N GLU A 166 -19.71 -9.08 6.12
CA GLU A 166 -18.93 -10.21 6.63
C GLU A 166 -17.80 -9.80 7.55
N CYS A 167 -17.15 -8.69 7.26
CA CYS A 167 -16.03 -8.24 8.08
C CYS A 167 -16.49 -7.62 9.40
N GLN A 168 -17.75 -7.21 9.44
CA GLN A 168 -18.30 -6.57 10.64
C GLN A 168 -18.74 -7.58 11.69
N GLN A 169 -18.96 -8.81 11.25
CA GLN A 169 -19.36 -9.89 12.15
C GLN A 169 -18.52 -9.83 13.41
N PRO A 170 -19.15 -9.89 14.59
CA PRO A 170 -18.31 -9.83 15.78
C PRO A 170 -17.12 -10.80 15.73
N HIS A 171 -17.34 -12.00 15.19
CA HIS A 171 -16.25 -12.97 15.11
C HIS A 171 -15.20 -12.67 14.01
N TYR A 172 -15.30 -11.51 13.34
CA TYR A 172 -14.36 -11.12 12.30
C TYR A 172 -13.52 -9.94 12.77
N TYR A 173 -14.03 -8.72 12.56
CA TYR A 173 -13.37 -7.55 13.15
C TYR A 173 -14.30 -6.61 13.93
N GLY A 174 -15.56 -7.01 14.06
CA GLY A 174 -16.51 -6.20 14.78
C GLY A 174 -16.67 -4.82 14.18
N SER A 175 -16.91 -3.85 15.05
CA SER A 175 -17.13 -2.46 14.66
C SER A 175 -15.87 -1.72 14.21
N GLU A 176 -14.71 -2.31 14.45
CA GLU A 176 -13.44 -1.69 14.09
C GLU A 176 -13.35 -1.35 12.61
N VAL A 177 -14.10 -2.09 11.79
CA VAL A 177 -14.12 -1.88 10.35
C VAL A 177 -15.22 -0.87 9.97
N THR A 178 -14.92 0.02 9.05
CA THR A 178 -15.88 1.03 8.62
C THR A 178 -16.06 1.07 7.11
N THR A 179 -17.14 1.72 6.68
CA THR A 179 -17.46 1.87 5.27
C THR A 179 -16.25 2.46 4.51
N LYS A 180 -15.28 2.98 5.25
CA LYS A 180 -14.11 3.57 4.63
C LYS A 180 -12.91 2.64 4.56
N MET A 181 -13.14 1.37 4.84
CA MET A 181 -12.07 0.38 4.79
C MET A 181 -12.60 -0.81 4.01
N LEU A 182 -11.70 -1.55 3.39
CA LEU A 182 -12.09 -2.75 2.65
C LEU A 182 -11.41 -3.91 3.34
N CYS A 183 -12.00 -5.09 3.29
CA CYS A 183 -11.35 -6.28 3.88
C CYS A 183 -11.05 -7.22 2.71
N ALA A 184 -9.94 -7.94 2.80
CA ALA A 184 -9.56 -8.86 1.75
C ALA A 184 -8.87 -10.03 2.42
N ALA A 185 -9.03 -11.22 1.86
CA ALA A 185 -8.41 -12.38 2.46
C ALA A 185 -8.50 -13.59 1.57
N ASP A 186 -7.73 -14.61 1.96
CA ASP A 186 -7.67 -15.87 1.26
C ASP A 186 -8.73 -16.77 1.88
N PRO A 187 -9.52 -17.46 1.04
CA PRO A 187 -10.54 -18.35 1.60
C PRO A 187 -10.01 -19.39 2.58
N GLN A 188 -8.73 -19.73 2.46
CA GLN A 188 -8.12 -20.70 3.34
C GLN A 188 -7.17 -20.01 4.32
N TRP A 189 -7.11 -18.69 4.23
CA TRP A 189 -6.28 -17.84 5.08
C TRP A 189 -4.79 -18.14 5.00
N LYS A 190 -4.34 -18.72 3.90
CA LYS A 190 -2.93 -19.06 3.77
C LYS A 190 -2.04 -17.95 3.21
N THR A 191 -2.63 -17.01 2.50
CA THR A 191 -1.88 -15.89 1.92
C THR A 191 -2.43 -14.60 2.52
N ASP A 192 -1.60 -13.58 2.63
CA ASP A 192 -2.06 -12.36 3.26
C ASP A 192 -0.91 -11.37 3.36
N SER A 193 -1.27 -10.14 3.70
CA SER A 193 -0.28 -9.13 3.91
C SER A 193 0.18 -9.26 5.36
N CYS A 194 1.43 -8.87 5.62
CA CYS A 194 1.94 -8.93 6.98
C CYS A 194 2.78 -7.69 7.29
N GLN A 195 3.27 -7.60 8.51
CA GLN A 195 4.08 -6.44 8.91
C GLN A 195 5.13 -6.17 7.84
N GLY A 196 5.23 -4.90 7.45
CA GLY A 196 6.15 -4.50 6.41
C GLY A 196 5.43 -4.19 5.10
N ASP A 197 4.19 -4.67 4.95
CA ASP A 197 3.42 -4.42 3.73
C ASP A 197 2.49 -3.23 3.77
N SER A 198 2.54 -2.50 4.87
CA SER A 198 1.69 -1.32 5.00
C SER A 198 1.98 -0.20 4.03
N GLY A 199 0.89 0.48 3.65
CA GLY A 199 0.91 1.59 2.72
C GLY A 199 0.72 1.02 1.33
N GLY A 200 1.25 -0.03 0.96
CA GLY A 200 1.12 -0.36 -0.40
C GLY A 200 -0.12 -0.84 -1.03
N PRO A 201 -0.03 -1.10 -2.27
CA PRO A 201 -1.16 -1.18 -3.20
C PRO A 201 -2.04 -2.42 -3.13
N LEU A 202 -3.34 -2.20 -3.11
CA LEU A 202 -4.32 -3.28 -3.15
C LEU A 202 -4.89 -2.97 -4.52
N VAL A 203 -4.42 -3.69 -5.53
CA VAL A 203 -4.89 -3.44 -6.88
C VAL A 203 -5.86 -4.49 -7.35
N CYS A 204 -6.96 -3.98 -7.91
CA CYS A 204 -8.00 -4.81 -8.46
C CYS A 204 -8.19 -4.26 -9.85
N SER A 205 -8.53 -5.14 -10.79
CA SER A 205 -8.79 -4.72 -12.15
C SER A 205 -10.29 -4.50 -12.15
N LEU A 206 -10.71 -3.23 -12.29
CA LEU A 206 -12.13 -2.91 -12.30
C LEU A 206 -12.50 -2.20 -13.58
N GLN A 207 -13.62 -2.61 -14.16
CA GLN A 207 -14.12 -2.04 -15.40
C GLN A 207 -13.16 -2.43 -16.52
N GLY A 208 -12.21 -3.30 -16.19
CA GLY A 208 -11.23 -3.75 -17.16
C GLY A 208 -9.92 -2.98 -17.11
N ARG A 209 -9.78 -2.15 -16.07
CA ARG A 209 -8.60 -1.33 -15.89
C ARG A 209 -8.00 -1.55 -14.49
N MET A 210 -6.68 -1.50 -14.39
CA MET A 210 -6.03 -1.68 -13.09
C MET A 210 -6.24 -0.39 -12.29
N THR A 211 -6.68 -0.54 -11.05
CA THR A 211 -6.95 0.61 -10.20
C THR A 211 -6.55 0.41 -8.75
N LEU A 212 -6.08 1.48 -8.12
CA LEU A 212 -5.68 1.45 -6.73
C LEU A 212 -6.93 1.41 -5.85
N THR A 213 -7.38 0.20 -5.52
CA THR A 213 -8.58 0.04 -4.69
C THR A 213 -8.29 0.29 -3.22
N GLY A 214 -7.11 -0.07 -2.75
CA GLY A 214 -6.84 0.15 -1.36
C GLY A 214 -5.38 0.30 -1.02
N ILE A 215 -5.11 0.67 0.23
CA ILE A 215 -3.76 0.83 0.73
C ILE A 215 -3.63 -0.02 1.99
N VAL A 216 -2.69 -0.97 1.96
CA VAL A 216 -2.47 -1.84 3.11
C VAL A 216 -2.53 -0.97 4.36
N SER A 217 -3.53 -1.22 5.21
CA SER A 217 -3.67 -0.42 6.42
C SER A 217 -3.45 -1.12 7.77
N TRP A 218 -4.19 -2.19 8.05
CA TRP A 218 -4.04 -2.89 9.32
C TRP A 218 -4.71 -4.27 9.28
N GLY A 219 -4.55 -5.02 10.37
CA GLY A 219 -5.15 -6.35 10.45
C GLY A 219 -4.68 -7.05 11.71
N ARG A 220 -5.51 -7.92 12.26
CA ARG A 220 -5.18 -8.67 13.45
C ARG A 220 -4.40 -9.90 13.03
N GLY A 221 -3.08 -9.80 13.15
CA GLY A 221 -2.19 -10.87 12.77
C GLY A 221 -1.88 -10.88 11.27
N CYS A 222 -1.54 -12.08 10.80
CA CYS A 222 -1.20 -12.32 9.40
C CYS A 222 -1.65 -13.73 9.05
N ALA A 223 -2.57 -13.81 8.09
CA ALA A 223 -3.09 -15.10 7.63
C ALA A 223 -3.61 -15.96 8.78
N LEU A 224 -4.60 -15.45 9.50
CA LEU A 224 -5.26 -16.18 10.59
C LEU A 224 -6.71 -16.25 10.19
N LYS A 225 -7.38 -17.33 10.59
CA LYS A 225 -8.79 -17.50 10.26
C LYS A 225 -9.63 -16.30 10.72
N ASP A 226 -10.61 -15.91 9.91
CA ASP A 226 -11.50 -14.79 10.24
C ASP A 226 -10.83 -13.47 10.62
N LYS A 227 -9.63 -13.22 10.09
CA LYS A 227 -8.91 -11.99 10.39
C LYS A 227 -8.33 -11.40 9.11
N PRO A 228 -9.19 -10.83 8.27
CA PRO A 228 -8.71 -10.26 7.01
C PRO A 228 -7.72 -9.10 7.19
N GLY A 229 -7.04 -8.76 6.11
CA GLY A 229 -6.16 -7.62 6.18
C GLY A 229 -7.11 -6.47 5.89
N VAL A 230 -6.82 -5.27 6.38
CA VAL A 230 -7.72 -4.16 6.13
C VAL A 230 -7.00 -3.17 5.24
N TYR A 231 -7.75 -2.49 4.38
CA TYR A 231 -7.13 -1.54 3.47
C TYR A 231 -7.93 -0.24 3.40
N THR A 232 -7.23 0.87 3.23
CA THR A 232 -7.90 2.16 3.14
C THR A 232 -8.68 2.16 1.84
N ARG A 233 -9.97 2.46 1.93
CA ARG A 233 -10.82 2.50 0.74
C ARG A 233 -10.47 3.77 -0.04
N VAL A 234 -9.64 3.62 -1.06
CA VAL A 234 -9.23 4.77 -1.87
C VAL A 234 -10.39 5.56 -2.46
N SER A 235 -11.39 4.86 -2.98
CA SER A 235 -12.54 5.52 -3.60
C SER A 235 -13.29 6.46 -2.68
N HIS A 236 -13.01 6.40 -1.38
CA HIS A 236 -13.66 7.29 -0.41
C HIS A 236 -12.72 8.43 0.00
N PHE A 237 -11.69 8.69 -0.80
CA PHE A 237 -10.76 9.77 -0.46
C PHE A 237 -10.30 10.62 -1.64
N LEU A 238 -10.93 10.45 -2.79
CA LEU A 238 -10.51 11.20 -3.98
C LEU A 238 -10.51 12.74 -3.87
N PRO A 239 -11.43 13.34 -3.09
CA PRO A 239 -11.41 14.81 -3.00
C PRO A 239 -10.22 15.24 -2.15
N TRP A 240 -9.89 14.39 -1.19
CA TRP A 240 -8.75 14.61 -0.29
C TRP A 240 -7.50 14.44 -1.13
N ILE A 241 -7.48 13.39 -1.94
CA ILE A 241 -6.33 13.12 -2.80
C ILE A 241 -6.19 14.23 -3.82
N ARG A 242 -7.31 14.60 -4.43
CA ARG A 242 -7.33 15.66 -5.42
C ARG A 242 -6.91 17.02 -4.85
N SER A 243 -7.49 17.41 -3.73
CA SER A 243 -7.17 18.70 -3.14
C SER A 243 -5.73 18.79 -2.67
N HIS A 244 -5.28 17.79 -1.95
CA HIS A 244 -3.94 17.79 -1.40
C HIS A 244 -2.79 17.63 -2.40
N THR A 245 -3.09 17.21 -3.63
CA THR A 245 -2.04 17.05 -4.63
C THR A 245 -1.97 18.26 -5.53
N LYS A 246 -2.93 19.16 -5.36
CA LYS A 246 -2.98 20.37 -6.17
C LYS A 246 -1.77 21.24 -5.87
C1 2BS B . 2.12 -4.75 11.70
S1 2BS B . -0.65 -4.83 7.29
C2 2BS B . 3.13 -2.52 11.02
N2 2BS B . -1.93 -6.90 8.28
O2 2BS B . 3.18 -3.95 11.05
C3 2BS B . 3.56 -2.06 9.66
C4 2BS B . 1.05 -5.37 10.85
C5 2BS B . 0.78 -4.81 9.59
C6 2BS B . -0.22 -5.37 8.80
C7 2BS B . -1.86 -6.07 7.20
C8 2BS B . -1.02 -6.56 9.26
C9 2BS B . -0.73 -7.10 10.54
O01 2BS B . 2.15 -4.91 12.91
N02 2BS B . -2.67 -6.20 6.12
C10 2BS B . 0.30 -6.51 11.33
#